data_8YLH
#
_entry.id   8YLH
#
_cell.length_a   52.350
_cell.length_b   76.367
_cell.length_c   78.651
_cell.angle_alpha   90.000
_cell.angle_beta   90.000
_cell.angle_gamma   90.000
#
_symmetry.space_group_name_H-M   'P 21 21 21'
#
loop_
_entity.id
_entity.type
_entity.pdbx_description
1 polymer 'Regulatory protein'
2 non-polymer 'CHLORIDE ION'
3 water water
#
_entity_poly.entity_id   1
_entity_poly.type   'polypeptide(L)'
_entity_poly.pdbx_seq_one_letter_code
;SAKDLDAVDAILEQWRRERPDLDASPMGPIGRLRRCAVLMDQRLESCFSRFDLSSWEFDMLATLRRAGAPHCLSPTELFS
TLMVTSGTMTHRLKRLETRGFIERVQNELDARSTLVQLTSSGLELINRAVEAHIENERQVLSVLPAEVLAALDTNLAALL
RGLESHNKGN
;
_entity_poly.pdbx_strand_id   A,B
#
# COMPACT_ATOMS: atom_id res chain seq x y z
N ASP A 6 0.11 19.54 -4.74
CA ASP A 6 0.36 18.24 -5.37
C ASP A 6 -0.89 17.61 -6.00
N ALA A 7 -0.76 16.36 -6.43
CA ALA A 7 -1.86 15.70 -7.14
C ALA A 7 -3.07 15.52 -6.25
N VAL A 8 -2.87 15.35 -4.94
CA VAL A 8 -4.00 15.23 -4.04
C VAL A 8 -4.71 16.57 -3.86
N ASP A 9 -3.95 17.67 -3.83
CA ASP A 9 -4.57 18.99 -3.80
C ASP A 9 -5.47 19.22 -5.01
N ALA A 10 -5.03 18.74 -6.18
CA ALA A 10 -5.82 18.86 -7.39
C ALA A 10 -7.12 18.08 -7.28
N ILE A 11 -7.05 16.89 -6.69
CA ILE A 11 -8.24 16.07 -6.48
C ILE A 11 -9.21 16.77 -5.52
N LEU A 12 -8.69 17.33 -4.43
CA LEU A 12 -9.54 18.08 -3.51
C LEU A 12 -10.20 19.26 -4.20
N GLU A 13 -9.46 19.93 -5.10
CA GLU A 13 -10.04 21.05 -5.84
C GLU A 13 -11.19 20.58 -6.73
N GLN A 14 -11.04 19.42 -7.36
CA GLN A 14 -12.12 18.85 -8.16
C GLN A 14 -13.37 18.60 -7.31
N TRP A 15 -13.20 18.02 -6.13
CA TRP A 15 -14.37 17.73 -5.29
C TRP A 15 -15.01 19.00 -4.78
N ARG A 16 -14.23 20.02 -4.45
CA ARG A 16 -14.81 21.28 -4.01
C ARG A 16 -15.66 21.90 -5.11
N ARG A 17 -15.27 21.72 -6.37
CA ARG A 17 -16.05 22.22 -7.50
C ARG A 17 -17.27 21.35 -7.78
N GLU A 18 -17.10 20.03 -7.78
CA GLU A 18 -18.14 19.11 -8.24
C GLU A 18 -19.16 18.74 -7.17
N ARG A 19 -18.72 18.62 -5.92
CA ARG A 19 -19.63 18.31 -4.81
C ARG A 19 -19.41 19.29 -3.67
N PRO A 20 -19.78 20.56 -3.86
CA PRO A 20 -19.61 21.54 -2.78
C PRO A 20 -20.48 21.28 -1.56
N ASP A 21 -21.47 20.38 -1.67
CA ASP A 21 -22.23 19.99 -0.50
C ASP A 21 -21.44 19.10 0.45
N LEU A 22 -20.30 18.57 0.00
CA LEU A 22 -19.50 17.65 0.79
C LEU A 22 -18.22 18.33 1.27
N ASP A 23 -17.74 17.88 2.42
CA ASP A 23 -16.43 18.29 2.96
C ASP A 23 -15.46 17.14 2.71
N ALA A 24 -14.62 17.28 1.68
CA ALA A 24 -13.72 16.21 1.28
C ALA A 24 -12.42 16.19 2.07
N SER A 25 -12.31 17.01 3.12
CA SER A 25 -11.11 17.07 3.95
C SER A 25 -10.50 15.72 4.31
N PRO A 26 -11.25 14.69 4.73
CA PRO A 26 -10.60 13.41 5.09
C PRO A 26 -9.86 12.77 3.93
N MET A 27 -10.20 13.09 2.69
CA MET A 27 -9.56 12.42 1.56
C MET A 27 -8.10 12.77 1.44
N GLY A 28 -7.70 13.95 1.92
CA GLY A 28 -6.35 14.44 1.71
C GLY A 28 -5.28 13.56 2.32
N PRO A 29 -5.30 13.44 3.65
CA PRO A 29 -4.25 12.65 4.34
C PRO A 29 -4.26 11.20 3.91
N ILE A 30 -5.45 10.63 3.74
CA ILE A 30 -5.54 9.22 3.35
C ILE A 30 -5.03 9.03 1.93
N GLY A 31 -5.39 9.94 1.03
CA GLY A 31 -4.88 9.86 -0.34
C GLY A 31 -3.36 9.97 -0.39
N ARG A 32 -2.79 10.89 0.40
CA ARG A 32 -1.34 11.01 0.44
C ARG A 32 -0.70 9.77 1.04
N LEU A 33 -1.30 9.22 2.11
CA LEU A 33 -0.77 7.99 2.70
C LEU A 33 -0.73 6.88 1.66
N ARG A 34 -1.83 6.67 0.93
CA ARG A 34 -1.91 5.56 0.00
C ARG A 34 -1.02 5.77 -1.21
N ARG A 35 -0.93 7.00 -1.73
CA ARG A 35 -0.01 7.26 -2.84
C ARG A 35 1.44 7.05 -2.42
N CYS A 36 1.81 7.54 -1.24
CA CYS A 36 3.16 7.28 -0.73
C CYS A 36 3.42 5.78 -0.64
N ALA A 37 2.44 5.01 -0.15
CA ALA A 37 2.66 3.58 0.00
C ALA A 37 2.87 2.90 -1.34
N VAL A 38 2.08 3.29 -2.35
CA VAL A 38 2.20 2.68 -3.68
C VAL A 38 3.57 3.00 -4.27
N LEU A 39 4.00 4.26 -4.16
CA LEU A 39 5.31 4.64 -4.68
C LEU A 39 6.42 3.95 -3.90
N MET A 40 6.25 3.83 -2.58
CA MET A 40 7.22 3.12 -1.76
C MET A 40 7.30 1.66 -2.18
N ASP A 41 6.16 1.01 -2.39
CA ASP A 41 6.17 -0.38 -2.83
C ASP A 41 6.92 -0.53 -4.13
N GLN A 42 6.75 0.40 -5.06
CA GLN A 42 7.48 0.33 -6.32
C GLN A 42 8.99 0.39 -6.10
N ARG A 43 9.44 1.31 -5.24
CA ARG A 43 10.87 1.42 -4.96
C ARG A 43 11.40 0.17 -4.29
N LEU A 44 10.64 -0.38 -3.32
CA LEU A 44 11.09 -1.57 -2.64
C LEU A 44 11.14 -2.76 -3.59
N GLU A 45 10.08 -2.93 -4.40
CA GLU A 45 10.01 -4.08 -5.29
CA GLU A 45 10.00 -4.08 -5.30
C GLU A 45 11.08 -4.03 -6.37
N SER A 46 11.44 -2.83 -6.84
CA SER A 46 12.51 -2.75 -7.82
CA SER A 46 12.51 -2.75 -7.82
C SER A 46 13.80 -3.32 -7.27
N CYS A 47 14.09 -3.07 -5.99
CA CYS A 47 15.29 -3.62 -5.39
C CYS A 47 15.15 -5.12 -5.13
N PHE A 48 14.03 -5.55 -4.54
CA PHE A 48 13.82 -6.99 -4.31
C PHE A 48 13.93 -7.78 -5.60
N SER A 49 13.49 -7.21 -6.72
CA SER A 49 13.48 -7.97 -7.97
CA SER A 49 13.48 -7.94 -7.99
C SER A 49 14.88 -8.34 -8.42
N ARG A 50 15.91 -7.58 -8.02
CA ARG A 50 17.27 -7.95 -8.36
C ARG A 50 17.68 -9.27 -7.73
N PHE A 51 17.03 -9.66 -6.65
CA PHE A 51 17.27 -10.91 -5.95
C PHE A 51 16.21 -11.96 -6.30
N ASP A 52 15.37 -11.68 -7.31
CA ASP A 52 14.27 -12.55 -7.71
CA ASP A 52 14.28 -12.57 -7.70
C ASP A 52 13.36 -12.86 -6.53
N LEU A 53 13.07 -11.83 -5.73
CA LEU A 53 12.16 -11.91 -4.61
C LEU A 53 11.03 -10.91 -4.77
N SER A 54 9.82 -11.32 -4.39
CA SER A 54 8.74 -10.37 -4.20
C SER A 54 8.88 -9.76 -2.81
N SER A 55 8.15 -8.65 -2.56
CA SER A 55 8.21 -8.05 -1.23
CA SER A 55 8.20 -8.05 -1.23
C SER A 55 7.75 -9.04 -0.16
N TRP A 56 6.72 -9.82 -0.45
CA TRP A 56 6.18 -10.77 0.53
C TRP A 56 7.17 -11.89 0.82
N GLU A 57 7.88 -12.36 -0.22
CA GLU A 57 8.90 -13.39 -0.04
C GLU A 57 10.07 -12.85 0.77
N PHE A 58 10.53 -11.65 0.43
CA PHE A 58 11.57 -11.00 1.23
C PHE A 58 11.14 -10.93 2.69
N ASP A 59 9.90 -10.54 2.96
CA ASP A 59 9.45 -10.40 4.35
C ASP A 59 9.53 -11.73 5.09
N MET A 60 9.09 -12.82 4.46
CA MET A 60 9.16 -14.12 5.11
C MET A 60 10.60 -14.53 5.41
N LEU A 61 11.51 -14.37 4.45
CA LEU A 61 12.91 -14.75 4.72
C LEU A 61 13.53 -13.83 5.77
N ALA A 62 13.25 -12.52 5.70
CA ALA A 62 13.79 -11.57 6.66
C ALA A 62 13.29 -11.87 8.08
N THR A 63 12.03 -12.27 8.21
CA THR A 63 11.46 -12.56 9.52
C THR A 63 12.09 -13.82 10.12
N LEU A 64 12.35 -14.83 9.29
CA LEU A 64 13.08 -15.99 9.78
C LEU A 64 14.52 -15.62 10.16
N ARG A 65 15.16 -14.76 9.35
CA ARG A 65 16.50 -14.29 9.68
C ARG A 65 16.51 -13.56 11.03
N ARG A 66 15.52 -12.69 11.26
CA ARG A 66 15.44 -11.92 12.49
C ARG A 66 15.26 -12.77 13.73
N ALA A 67 14.74 -13.99 13.58
CA ALA A 67 14.55 -14.86 14.73
C ALA A 67 15.85 -15.32 15.35
N GLY A 68 16.95 -15.21 14.61
CA GLY A 68 18.24 -15.72 15.05
C GLY A 68 18.42 -17.19 14.73
N ALA A 69 19.68 -17.60 14.67
CA ALA A 69 19.99 -19.01 14.39
C ALA A 69 19.31 -19.91 15.41
N PRO A 70 18.78 -21.07 14.99
CA PRO A 70 18.85 -21.69 13.67
C PRO A 70 17.69 -21.30 12.72
N HIS A 71 17.02 -20.18 12.99
CA HIS A 71 16.06 -19.59 12.06
C HIS A 71 14.85 -20.49 11.85
N CYS A 72 14.29 -20.96 12.95
CA CYS A 72 13.10 -21.81 12.98
CA CYS A 72 13.09 -21.79 12.97
C CYS A 72 11.96 -21.05 13.64
N LEU A 73 10.80 -20.99 12.97
CA LEU A 73 9.62 -20.33 13.52
C LEU A 73 8.39 -21.19 13.27
N SER A 74 7.48 -21.19 14.24
CA SER A 74 6.15 -21.71 13.96
C SER A 74 5.46 -20.78 12.96
N PRO A 75 4.51 -21.28 12.18
CA PRO A 75 3.79 -20.39 11.26
C PRO A 75 3.19 -19.17 11.95
N THR A 76 2.68 -19.33 13.17
CA THR A 76 2.10 -18.24 13.91
C THR A 76 3.15 -17.22 14.32
N GLU A 77 4.31 -17.69 14.83
CA GLU A 77 5.41 -16.77 15.15
C GLU A 77 5.84 -16.00 13.92
N LEU A 78 5.95 -16.71 12.79
CA LEU A 78 6.34 -16.08 11.53
C LEU A 78 5.36 -14.97 11.17
N PHE A 79 4.08 -15.31 11.10
CA PHE A 79 3.06 -14.33 10.75
C PHE A 79 3.08 -13.13 11.69
N SER A 80 3.23 -13.38 13.00
CA SER A 80 3.16 -12.31 13.99
CA SER A 80 3.16 -12.31 13.98
C SER A 80 4.38 -11.40 13.97
N THR A 81 5.45 -11.76 13.24
CA THR A 81 6.64 -10.92 13.21
C THR A 81 7.01 -10.50 11.80
N LEU A 82 6.16 -10.78 10.81
CA LEU A 82 6.31 -10.17 9.48
C LEU A 82 6.18 -8.65 9.61
N MET A 83 6.91 -7.92 8.75
CA MET A 83 6.75 -6.48 8.75
C MET A 83 5.35 -6.08 8.30
N VAL A 84 4.79 -6.79 7.33
CA VAL A 84 3.48 -6.47 6.79
C VAL A 84 2.70 -7.76 6.62
N THR A 85 1.53 -7.85 7.25
CA THR A 85 0.65 -8.99 7.06
C THR A 85 -0.55 -8.57 6.23
N SER A 86 -1.00 -9.49 5.37
CA SER A 86 -2.18 -9.29 4.56
C SER A 86 -2.55 -10.61 3.90
N GLY A 87 -3.35 -11.42 4.57
CA GLY A 87 -3.83 -12.63 3.94
C GLY A 87 -2.98 -13.83 4.25
N THR A 88 -3.39 -14.95 3.67
CA THR A 88 -2.77 -16.24 3.98
C THR A 88 -1.32 -16.30 3.53
N MET A 89 -0.56 -17.15 4.23
CA MET A 89 0.83 -17.41 3.90
C MET A 89 1.00 -18.64 3.03
N THR A 90 -0.09 -19.40 2.81
CA THR A 90 -0.01 -20.74 2.24
C THR A 90 0.78 -20.78 0.94
N HIS A 91 0.38 -19.96 -0.03
CA HIS A 91 0.96 -20.06 -1.36
C HIS A 91 2.39 -19.58 -1.40
N ARG A 92 2.72 -18.53 -0.63
CA ARG A 92 4.07 -18.02 -0.59
C ARG A 92 5.01 -19.00 0.11
N LEU A 93 4.57 -19.62 1.20
CA LEU A 93 5.41 -20.60 1.87
C LEU A 93 5.72 -21.78 0.95
N LYS A 94 4.72 -22.26 0.20
CA LYS A 94 4.96 -23.36 -0.73
C LYS A 94 6.00 -22.97 -1.79
N ARG A 95 5.90 -21.75 -2.33
CA ARG A 95 6.87 -21.30 -3.33
C ARG A 95 8.27 -21.22 -2.77
N LEU A 96 8.40 -20.69 -1.54
CA LEU A 96 9.72 -20.61 -0.93
C LEU A 96 10.28 -21.99 -0.65
N GLU A 97 9.41 -22.96 -0.30
CA GLU A 97 9.89 -24.32 -0.12
C GLU A 97 10.33 -24.93 -1.45
N THR A 98 9.54 -24.73 -2.51
CA THR A 98 9.93 -25.26 -3.82
C THR A 98 11.24 -24.67 -4.31
N ARG A 99 11.46 -23.37 -4.07
CA ARG A 99 12.71 -22.73 -4.45
C ARG A 99 13.86 -23.07 -3.51
N GLY A 100 13.59 -23.82 -2.45
CA GLY A 100 14.66 -24.29 -1.57
C GLY A 100 15.15 -23.28 -0.56
N PHE A 101 14.40 -22.20 -0.30
CA PHE A 101 14.82 -21.16 0.63
C PHE A 101 14.32 -21.42 2.05
N ILE A 102 13.27 -22.22 2.21
CA ILE A 102 12.81 -22.67 3.51
C ILE A 102 12.52 -24.16 3.44
N GLU A 103 12.46 -24.79 4.60
CA GLU A 103 12.01 -26.17 4.69
C GLU A 103 11.05 -26.29 5.85
N ARG A 104 9.98 -27.05 5.64
CA ARG A 104 9.04 -27.34 6.71
C ARG A 104 9.52 -28.56 7.47
N VAL A 105 9.64 -28.44 8.79
CA VAL A 105 10.18 -29.52 9.62
C VAL A 105 9.13 -29.92 10.64
N GLN A 106 9.09 -31.21 10.96
CA GLN A 106 8.07 -31.69 11.88
C GLN A 106 8.34 -31.12 13.26
N ASN A 107 7.27 -30.70 13.93
CA ASN A 107 7.38 -30.19 15.29
C ASN A 107 7.52 -31.36 16.25
N GLU A 108 8.67 -31.43 16.94
CA GLU A 108 8.93 -32.57 17.83
C GLU A 108 8.00 -32.61 19.04
N LEU A 109 7.27 -31.54 19.32
CA LEU A 109 6.33 -31.50 20.42
C LEU A 109 4.88 -31.63 19.97
N ASP A 110 4.64 -31.72 18.66
CA ASP A 110 3.28 -31.90 18.16
C ASP A 110 3.42 -32.46 16.74
N ALA A 111 3.19 -33.76 16.59
CA ALA A 111 3.46 -34.42 15.30
C ALA A 111 2.57 -33.90 14.19
N ARG A 112 1.39 -33.38 14.53
CA ARG A 112 0.42 -32.94 13.54
C ARG A 112 0.63 -31.50 13.10
N SER A 113 1.77 -30.91 13.44
CA SER A 113 2.07 -29.54 13.04
C SER A 113 3.54 -29.44 12.69
N THR A 114 3.90 -28.33 12.04
CA THR A 114 5.25 -28.17 11.52
C THR A 114 5.83 -26.84 11.93
N LEU A 115 7.13 -26.71 11.70
CA LEU A 115 7.86 -25.47 11.86
C LEU A 115 8.48 -25.12 10.52
N VAL A 116 8.76 -23.84 10.34
CA VAL A 116 9.36 -23.32 9.12
C VAL A 116 10.80 -22.95 9.44
N GLN A 117 11.75 -23.49 8.67
CA GLN A 117 13.16 -23.16 8.88
C GLN A 117 13.77 -22.58 7.62
N LEU A 118 14.52 -21.49 7.81
CA LEU A 118 15.31 -20.94 6.74
C LEU A 118 16.42 -21.92 6.37
N THR A 119 16.58 -22.19 5.08
CA THR A 119 17.67 -23.06 4.64
C THR A 119 18.95 -22.23 4.52
N SER A 120 20.06 -22.92 4.26
CA SER A 120 21.34 -22.23 4.07
CA SER A 120 21.30 -22.17 4.11
C SER A 120 21.29 -21.34 2.83
N SER A 121 20.61 -21.80 1.78
CA SER A 121 20.49 -20.95 0.59
C SER A 121 19.58 -19.77 0.86
N GLY A 122 18.52 -19.97 1.64
CA GLY A 122 17.69 -18.85 2.05
C GLY A 122 18.45 -17.84 2.90
N LEU A 123 19.30 -18.35 3.81
CA LEU A 123 20.06 -17.49 4.71
C LEU A 123 21.10 -16.68 3.94
N GLU A 124 21.82 -17.32 3.01
CA GLU A 124 22.79 -16.62 2.19
C GLU A 124 22.12 -15.52 1.37
N LEU A 125 20.94 -15.82 0.81
CA LEU A 125 20.24 -14.83 0.01
C LEU A 125 19.78 -13.66 0.85
N ILE A 126 19.10 -13.94 1.97
CA ILE A 126 18.52 -12.84 2.73
C ILE A 126 19.59 -11.99 3.40
N ASN A 127 20.75 -12.59 3.76
CA ASN A 127 21.82 -11.78 4.33
C ASN A 127 22.33 -10.76 3.31
N ARG A 128 22.31 -11.10 2.01
CA ARG A 128 22.70 -10.11 1.01
C ARG A 128 21.55 -9.16 0.72
N ALA A 129 20.34 -9.69 0.59
CA ALA A 129 19.21 -8.85 0.17
C ALA A 129 18.89 -7.81 1.23
N VAL A 130 19.04 -8.14 2.53
CA VAL A 130 18.69 -7.15 3.54
C VAL A 130 19.65 -5.96 3.49
N GLU A 131 20.92 -6.21 3.16
CA GLU A 131 21.88 -5.12 3.02
C GLU A 131 21.43 -4.15 1.94
N ALA A 132 21.04 -4.68 0.78
CA ALA A 132 20.59 -3.85 -0.33
C ALA A 132 19.28 -3.14 0.00
N HIS A 133 18.36 -3.87 0.66
CA HIS A 133 17.08 -3.30 1.06
C HIS A 133 17.27 -2.08 1.95
N ILE A 134 18.15 -2.19 2.96
CA ILE A 134 18.39 -1.07 3.85
C ILE A 134 18.96 0.12 3.08
N GLU A 135 19.94 -0.14 2.19
CA GLU A 135 20.50 0.97 1.41
C GLU A 135 19.43 1.58 0.52
N ASN A 136 18.57 0.76 -0.06
CA ASN A 136 17.47 1.25 -0.89
C ASN A 136 16.55 2.14 -0.07
N GLU A 137 16.17 1.68 1.11
CA GLU A 137 15.26 2.45 1.97
C GLU A 137 15.92 3.75 2.42
N ARG A 138 17.20 3.70 2.73
CA ARG A 138 17.90 4.93 3.10
C ARG A 138 17.86 5.94 1.97
N GLN A 139 18.06 5.48 0.73
CA GLN A 139 17.99 6.39 -0.41
C GLN A 139 16.58 6.93 -0.60
N VAL A 140 15.56 6.08 -0.46
CA VAL A 140 14.18 6.53 -0.60
C VAL A 140 13.88 7.64 0.41
N LEU A 141 14.24 7.43 1.68
CA LEU A 141 13.92 8.39 2.73
C LEU A 141 14.82 9.61 2.71
N SER A 142 15.93 9.58 1.97
CA SER A 142 16.81 10.73 1.92
C SER A 142 16.16 11.96 1.29
N VAL A 143 14.97 11.83 0.71
CA VAL A 143 14.27 12.99 0.19
C VAL A 143 13.74 13.88 1.31
N LEU A 144 13.72 13.38 2.56
CA LEU A 144 13.27 14.14 3.72
C LEU A 144 14.43 14.53 4.61
N PRO A 145 14.43 15.75 5.14
CA PRO A 145 15.36 16.09 6.22
C PRO A 145 15.09 15.21 7.43
N ALA A 146 16.15 14.98 8.23
CA ALA A 146 16.02 14.08 9.38
C ALA A 146 14.89 14.50 10.30
N GLU A 147 14.73 15.80 10.54
CA GLU A 147 13.70 16.27 11.47
C GLU A 147 12.31 16.02 10.92
N VAL A 148 12.12 16.15 9.61
CA VAL A 148 10.82 15.87 9.01
C VAL A 148 10.54 14.37 9.02
N LEU A 149 11.56 13.57 8.74
CA LEU A 149 11.40 12.12 8.80
C LEU A 149 11.01 11.68 10.20
N ALA A 150 11.65 12.26 11.22
CA ALA A 150 11.31 11.94 12.61
C ALA A 150 9.88 12.32 12.92
N ALA A 151 9.43 13.50 12.47
CA ALA A 151 8.05 13.88 12.70
C ALA A 151 7.08 12.94 11.99
N LEU A 152 7.40 12.58 10.74
CA LEU A 152 6.55 11.64 10.00
C LEU A 152 6.47 10.30 10.72
N ASP A 153 7.60 9.80 11.20
CA ASP A 153 7.62 8.52 11.91
C ASP A 153 6.73 8.58 13.14
N THR A 154 6.83 9.69 13.91
CA THR A 154 5.98 9.85 15.08
C THR A 154 4.51 9.92 14.68
N ASN A 155 4.18 10.69 13.62
CA ASN A 155 2.79 10.80 13.19
C ASN A 155 2.25 9.46 12.73
N LEU A 156 3.06 8.70 11.99
CA LEU A 156 2.62 7.38 11.53
C LEU A 156 2.41 6.43 12.69
N ALA A 157 3.26 6.51 13.72
CA ALA A 157 3.07 5.65 14.88
C ALA A 157 1.74 5.93 15.56
N ALA A 158 1.34 7.21 15.62
CA ALA A 158 0.05 7.57 16.20
C ALA A 158 -1.10 7.00 15.36
N LEU A 159 -1.02 7.16 14.03
CA LEU A 159 -2.05 6.62 13.16
C LEU A 159 -2.11 5.10 13.28
N LEU A 160 -0.95 4.44 13.27
CA LEU A 160 -0.91 2.98 13.35
C LEU A 160 -1.57 2.49 14.63
N ARG A 161 -1.25 3.11 15.77
CA ARG A 161 -1.88 2.72 17.02
C ARG A 161 -3.39 2.88 16.95
N GLY A 162 -3.86 3.97 16.35
CA GLY A 162 -5.30 4.17 16.22
C GLY A 162 -5.94 3.13 15.32
N LEU A 163 -5.32 2.85 14.17
CA LEU A 163 -5.87 1.85 13.26
C LEU A 163 -5.88 0.47 13.89
N GLU A 164 -4.83 0.12 14.64
CA GLU A 164 -4.78 -1.20 15.26
C GLU A 164 -5.80 -1.35 16.37
N SER A 165 -6.18 -0.25 17.04
CA SER A 165 -7.22 -0.34 18.07
C SER A 165 -8.58 -0.72 17.51
N HIS A 166 -8.77 -0.73 16.20
CA HIS A 166 -10.05 -1.10 15.61
C HIS A 166 -10.23 -2.63 15.57
N ALA B 7 5.24 -2.77 17.58
CA ALA B 7 5.67 -4.01 16.94
C ALA B 7 6.76 -3.74 15.93
N VAL B 8 6.73 -2.55 15.32
CA VAL B 8 7.79 -2.19 14.38
C VAL B 8 9.09 -1.97 15.13
N ASP B 9 9.02 -1.35 16.32
CA ASP B 9 10.23 -1.23 17.13
C ASP B 9 10.79 -2.60 17.52
N ALA B 10 9.91 -3.59 17.76
CA ALA B 10 10.38 -4.93 18.06
C ALA B 10 11.17 -5.50 16.89
N ILE B 11 10.72 -5.24 15.67
CA ILE B 11 11.45 -5.70 14.49
C ILE B 11 12.79 -4.97 14.38
N LEU B 12 12.81 -3.67 14.65
CA LEU B 12 14.07 -2.95 14.64
C LEU B 12 15.05 -3.52 15.68
N GLU B 13 14.53 -3.92 16.84
CA GLU B 13 15.39 -4.51 17.87
C GLU B 13 15.95 -5.84 17.42
N GLN B 14 15.15 -6.65 16.72
CA GLN B 14 15.67 -7.90 16.18
C GLN B 14 16.86 -7.65 15.25
N TRP B 15 16.74 -6.65 14.36
CA TRP B 15 17.83 -6.36 13.44
C TRP B 15 19.06 -5.83 14.16
N ARG B 16 18.85 -5.03 15.21
CA ARG B 16 19.98 -4.54 16.01
C ARG B 16 20.73 -5.70 16.64
N ARG B 17 20.02 -6.76 17.01
CA ARG B 17 20.68 -7.95 17.57
C ARG B 17 21.33 -8.78 16.47
N GLU B 18 20.63 -9.01 15.37
CA GLU B 18 21.05 -10.01 14.40
C GLU B 18 22.04 -9.50 13.36
N ARG B 19 21.90 -8.25 12.93
CA ARG B 19 22.83 -7.65 11.96
C ARG B 19 23.29 -6.31 12.50
N PRO B 20 24.10 -6.30 13.56
CA PRO B 20 24.57 -5.03 14.12
C PRO B 20 25.50 -4.28 13.20
N ASP B 21 26.01 -4.92 12.15
CA ASP B 21 26.82 -4.24 11.14
C ASP B 21 25.99 -3.31 10.26
N LEU B 22 24.66 -3.43 10.31
CA LEU B 22 23.77 -2.62 9.48
C LEU B 22 23.02 -1.62 10.36
N ASP B 23 22.67 -0.48 9.78
CA ASP B 23 21.81 0.50 10.44
C ASP B 23 20.41 0.33 9.85
N ALA B 24 19.54 -0.35 10.60
CA ALA B 24 18.21 -0.66 10.11
C ALA B 24 17.22 0.46 10.34
N SER B 25 17.66 1.62 10.82
CA SER B 25 16.71 2.69 11.12
CA SER B 25 16.75 2.73 11.10
C SER B 25 15.76 3.04 9.98
N PRO B 26 16.15 3.00 8.69
CA PRO B 26 15.17 3.35 7.64
C PRO B 26 13.96 2.43 7.62
N MET B 27 14.07 1.22 8.18
CA MET B 27 12.96 0.27 8.12
C MET B 27 11.75 0.73 8.93
N GLY B 28 11.97 1.55 9.97
CA GLY B 28 10.92 1.96 10.87
C GLY B 28 9.80 2.77 10.22
N PRO B 29 10.14 3.95 9.70
CA PRO B 29 9.10 4.81 9.09
C PRO B 29 8.40 4.14 7.92
N ILE B 30 9.16 3.41 7.10
CA ILE B 30 8.56 2.73 5.96
C ILE B 30 7.67 1.59 6.42
N GLY B 31 8.11 0.81 7.40
CA GLY B 31 7.25 -0.23 7.93
C GLY B 31 5.96 0.32 8.48
N ARG B 32 6.03 1.43 9.21
CA ARG B 32 4.81 2.04 9.75
C ARG B 32 3.92 2.55 8.63
N LEU B 33 4.51 3.19 7.61
CA LEU B 33 3.74 3.69 6.48
C LEU B 33 2.98 2.56 5.80
N ARG B 34 3.66 1.45 5.54
CA ARG B 34 3.05 0.36 4.79
C ARG B 34 2.00 -0.38 5.63
N ARG B 35 2.26 -0.55 6.95
CA ARG B 35 1.24 -1.14 7.81
C ARG B 35 -0.01 -0.27 7.86
N CYS B 36 0.18 1.04 8.01
CA CYS B 36 -0.96 1.98 7.97
C CYS B 36 -1.73 1.83 6.67
N ALA B 37 -1.01 1.73 5.54
CA ALA B 37 -1.69 1.66 4.26
C ALA B 37 -2.53 0.39 4.14
N VAL B 38 -1.99 -0.75 4.58
CA VAL B 38 -2.77 -2.00 4.51
C VAL B 38 -4.02 -1.89 5.38
N LEU B 39 -3.86 -1.38 6.61
CA LEU B 39 -5.01 -1.24 7.50
C LEU B 39 -6.00 -0.24 6.94
N MET B 40 -5.51 0.86 6.38
CA MET B 40 -6.39 1.84 5.78
C MET B 40 -7.16 1.25 4.61
N ASP B 41 -6.49 0.48 3.75
CA ASP B 41 -7.18 -0.13 2.61
C ASP B 41 -8.32 -1.04 3.08
N GLN B 42 -8.10 -1.79 4.15
CA GLN B 42 -9.16 -2.62 4.71
C GLN B 42 -10.36 -1.77 5.13
N ARG B 43 -10.10 -0.64 5.78
CA ARG B 43 -11.21 0.21 6.24
C ARG B 43 -11.96 0.81 5.05
N LEU B 44 -11.24 1.26 4.02
CA LEU B 44 -11.92 1.83 2.86
C LEU B 44 -12.74 0.78 2.14
N GLU B 45 -12.14 -0.41 1.93
CA GLU B 45 -12.84 -1.48 1.23
C GLU B 45 -14.08 -1.92 1.98
N SER B 46 -14.06 -1.86 3.32
CA SER B 46 -15.26 -2.21 4.08
CA SER B 46 -15.25 -2.18 4.10
C SER B 46 -16.45 -1.34 3.68
N CYS B 47 -16.21 -0.10 3.28
CA CYS B 47 -17.30 0.75 2.85
C CYS B 47 -17.61 0.55 1.36
N PHE B 48 -16.57 0.51 0.50
CA PHE B 48 -16.82 0.27 -0.92
C PHE B 48 -17.64 -0.99 -1.15
N SER B 49 -17.40 -2.02 -0.34
CA SER B 49 -18.09 -3.28 -0.53
CA SER B 49 -18.09 -3.30 -0.49
C SER B 49 -19.60 -3.15 -0.32
N ARG B 50 -20.03 -2.18 0.50
CA ARG B 50 -21.46 -1.97 0.71
C ARG B 50 -22.16 -1.49 -0.56
N PHE B 51 -21.39 -0.97 -1.51
CA PHE B 51 -21.87 -0.57 -2.84
C PHE B 51 -21.47 -1.57 -3.92
N ASP B 52 -21.00 -2.75 -3.52
CA ASP B 52 -20.49 -3.78 -4.43
C ASP B 52 -19.43 -3.19 -5.38
N LEU B 53 -18.51 -2.44 -4.80
CA LEU B 53 -17.37 -1.84 -5.49
C LEU B 53 -16.07 -2.23 -4.81
N SER B 54 -15.05 -2.48 -5.61
CA SER B 54 -13.69 -2.54 -5.11
C SER B 54 -13.06 -1.14 -5.08
N SER B 55 -11.90 -1.04 -4.43
CA SER B 55 -11.22 0.24 -4.36
C SER B 55 -10.88 0.77 -5.75
N TRP B 56 -10.39 -0.08 -6.65
CA TRP B 56 -10.02 0.43 -7.97
C TRP B 56 -11.25 0.82 -8.78
N GLU B 57 -12.37 0.13 -8.58
CA GLU B 57 -13.60 0.52 -9.27
C GLU B 57 -14.09 1.86 -8.76
N PHE B 58 -14.14 2.02 -7.44
CA PHE B 58 -14.51 3.31 -6.87
C PHE B 58 -13.63 4.43 -7.42
N ASP B 59 -12.31 4.19 -7.45
CA ASP B 59 -11.38 5.22 -7.90
C ASP B 59 -11.67 5.65 -9.34
N MET B 60 -11.90 4.68 -10.23
CA MET B 60 -12.19 5.03 -11.62
C MET B 60 -13.50 5.82 -11.74
N LEU B 61 -14.55 5.36 -11.06
CA LEU B 61 -15.82 6.09 -11.13
C LEU B 61 -15.70 7.48 -10.50
N ALA B 62 -15.00 7.57 -9.36
CA ALA B 62 -14.82 8.86 -8.69
C ALA B 62 -14.03 9.82 -9.56
N THR B 63 -13.05 9.30 -10.29
CA THR B 63 -12.22 10.15 -11.12
C THR B 63 -13.01 10.68 -12.32
N LEU B 64 -13.86 9.84 -12.91
CA LEU B 64 -14.75 10.35 -13.95
C LEU B 64 -15.74 11.35 -13.38
N ARG B 65 -16.25 11.09 -12.16
CA ARG B 65 -17.15 12.05 -11.54
C ARG B 65 -16.46 13.40 -11.34
N ARG B 66 -15.22 13.39 -10.86
CA ARG B 66 -14.47 14.62 -10.57
C ARG B 66 -14.20 15.45 -11.80
N ALA B 67 -14.17 14.84 -12.98
CA ALA B 67 -13.92 15.58 -14.21
C ALA B 67 -15.04 16.56 -14.54
N GLY B 68 -16.22 16.38 -13.94
CA GLY B 68 -17.36 17.20 -14.28
C GLY B 68 -18.10 16.67 -15.50
N ALA B 69 -19.37 17.05 -15.59
CA ALA B 69 -20.20 16.63 -16.71
C ALA B 69 -19.55 17.07 -18.03
N PRO B 70 -19.60 16.24 -19.08
CA PRO B 70 -20.31 14.97 -19.19
C PRO B 70 -19.52 13.74 -18.74
N HIS B 71 -18.49 13.93 -17.91
CA HIS B 71 -17.78 12.80 -17.28
C HIS B 71 -17.10 11.92 -18.32
N CYS B 72 -16.44 12.56 -19.28
CA CYS B 72 -15.70 11.89 -20.34
CA CYS B 72 -15.69 11.90 -20.35
C CYS B 72 -14.21 12.18 -20.16
N LEU B 73 -13.41 11.12 -20.09
CA LEU B 73 -11.97 11.26 -19.98
C LEU B 73 -11.26 10.36 -20.99
N SER B 74 -10.15 10.84 -21.55
CA SER B 74 -9.26 9.94 -22.25
C SER B 74 -8.63 8.98 -21.25
N PRO B 75 -8.21 7.81 -21.70
CA PRO B 75 -7.51 6.89 -20.78
C PRO B 75 -6.33 7.54 -20.07
N THR B 76 -5.58 8.38 -20.78
CA THR B 76 -4.44 9.05 -20.16
C THR B 76 -4.90 10.05 -19.10
N GLU B 77 -5.94 10.84 -19.39
CA GLU B 77 -6.48 11.76 -18.38
C GLU B 77 -6.98 11.00 -17.16
N LEU B 78 -7.71 9.90 -17.40
CA LEU B 78 -8.21 9.07 -16.31
C LEU B 78 -7.08 8.56 -15.44
N PHE B 79 -6.08 7.93 -16.05
CA PHE B 79 -4.94 7.39 -15.32
C PHE B 79 -4.24 8.48 -14.50
N SER B 80 -4.10 9.67 -15.09
CA SER B 80 -3.33 10.73 -14.44
CA SER B 80 -3.35 10.76 -14.46
C SER B 80 -4.09 11.38 -13.29
N THR B 81 -5.41 11.20 -13.20
CA THR B 81 -6.17 11.83 -12.13
C THR B 81 -6.80 10.83 -11.17
N LEU B 82 -6.47 9.54 -11.32
CA LEU B 82 -6.80 8.56 -10.27
C LEU B 82 -6.09 8.91 -8.97
N MET B 83 -6.73 8.56 -7.85
CA MET B 83 -6.04 8.76 -6.58
C MET B 83 -4.81 7.87 -6.49
N VAL B 84 -4.91 6.64 -7.00
CA VAL B 84 -3.84 5.64 -6.96
C VAL B 84 -3.79 4.93 -8.32
N THR B 85 -2.60 4.83 -8.91
CA THR B 85 -2.39 4.03 -10.10
C THR B 85 -1.49 2.84 -9.81
N SER B 86 -1.74 1.75 -10.53
CA SER B 86 -0.90 0.56 -10.39
C SER B 86 -1.19 -0.43 -11.52
N GLY B 87 -0.51 -0.28 -12.65
CA GLY B 87 -0.59 -1.24 -13.74
C GLY B 87 -1.61 -0.82 -14.79
N THR B 88 -1.74 -1.70 -15.79
CA THR B 88 -2.59 -1.39 -16.92
C THR B 88 -4.05 -1.31 -16.48
N MET B 89 -4.82 -0.52 -17.23
CA MET B 89 -6.24 -0.37 -17.00
C MET B 89 -7.09 -1.28 -17.89
N THR B 90 -6.47 -2.02 -18.81
CA THR B 90 -7.19 -2.69 -19.89
C THR B 90 -8.35 -3.53 -19.36
N HIS B 91 -8.03 -4.49 -18.50
CA HIS B 91 -9.04 -5.43 -18.04
C HIS B 91 -9.97 -4.79 -17.02
N ARG B 92 -9.48 -3.84 -16.24
CA ARG B 92 -10.34 -3.12 -15.32
C ARG B 92 -11.38 -2.27 -16.05
N LEU B 93 -10.97 -1.57 -17.10
CA LEU B 93 -11.95 -0.81 -17.87
C LEU B 93 -12.96 -1.74 -18.52
N LYS B 94 -12.51 -2.88 -19.04
CA LYS B 94 -13.44 -3.84 -19.64
C LYS B 94 -14.46 -4.32 -18.61
N ARG B 95 -14.03 -4.59 -17.38
CA ARG B 95 -14.95 -5.03 -16.34
C ARG B 95 -15.99 -3.97 -16.02
N LEU B 96 -15.56 -2.71 -15.84
CA LEU B 96 -16.52 -1.65 -15.51
C LEU B 96 -17.51 -1.43 -16.64
N GLU B 97 -17.09 -1.63 -17.89
CA GLU B 97 -18.04 -1.55 -18.99
C GLU B 97 -19.02 -2.72 -18.93
N THR B 98 -18.52 -3.92 -18.61
CA THR B 98 -19.39 -5.09 -18.48
C THR B 98 -20.43 -4.87 -17.40
N ARG B 99 -20.07 -4.19 -16.30
CA ARG B 99 -21.03 -3.87 -15.26
C ARG B 99 -21.94 -2.71 -15.63
N GLY B 100 -21.68 -2.03 -16.75
CA GLY B 100 -22.52 -0.95 -17.20
C GLY B 100 -22.31 0.38 -16.53
N PHE B 101 -21.19 0.56 -15.82
CA PHE B 101 -20.91 1.82 -15.12
C PHE B 101 -20.11 2.79 -15.97
N ILE B 102 -19.42 2.30 -17.00
CA ILE B 102 -18.74 3.16 -17.97
C ILE B 102 -19.02 2.62 -19.36
N GLU B 103 -18.80 3.47 -20.36
CA GLU B 103 -18.82 3.05 -21.74
C GLU B 103 -17.60 3.59 -22.46
N ARG B 104 -16.97 2.76 -23.28
CA ARG B 104 -15.90 3.24 -24.15
C ARG B 104 -16.55 3.79 -25.41
N VAL B 105 -16.25 5.06 -25.72
CA VAL B 105 -16.86 5.74 -26.85
C VAL B 105 -15.78 6.20 -27.82
N GLN B 106 -16.13 6.22 -29.10
CA GLN B 106 -15.16 6.62 -30.11
C GLN B 106 -14.84 8.10 -29.95
N ASN B 107 -13.56 8.42 -30.11
CA ASN B 107 -13.12 9.81 -30.05
C ASN B 107 -13.47 10.49 -31.36
N GLU B 108 -14.33 11.51 -31.29
CA GLU B 108 -14.77 12.23 -32.49
C GLU B 108 -13.65 13.01 -33.15
N LEU B 109 -12.53 13.20 -32.47
CA LEU B 109 -11.39 13.93 -33.02
C LEU B 109 -10.25 13.01 -33.45
N ASP B 110 -10.40 11.70 -33.23
CA ASP B 110 -9.38 10.74 -33.66
C ASP B 110 -10.05 9.38 -33.79
N ALA B 111 -10.27 8.95 -35.03
CA ALA B 111 -11.03 7.73 -35.26
C ALA B 111 -10.33 6.51 -34.67
N ARG B 112 -9.01 6.55 -34.55
CA ARG B 112 -8.23 5.40 -34.09
C ARG B 112 -8.08 5.35 -32.57
N SER B 113 -8.82 6.15 -31.81
CA SER B 113 -8.71 6.10 -30.35
C SER B 113 -10.08 6.30 -29.72
N THR B 114 -10.15 6.05 -28.41
CA THR B 114 -11.41 6.03 -27.69
C THR B 114 -11.31 6.89 -26.43
N LEU B 115 -12.49 7.15 -25.86
CA LEU B 115 -12.65 7.83 -24.58
C LEU B 115 -13.47 6.97 -23.63
N VAL B 116 -13.37 7.29 -22.34
CA VAL B 116 -14.11 6.58 -21.30
C VAL B 116 -15.19 7.52 -20.76
N GLN B 117 -16.45 7.09 -20.78
CA GLN B 117 -17.52 7.93 -20.26
C GLN B 117 -18.29 7.22 -19.16
N LEU B 118 -18.54 7.95 -18.07
CA LEU B 118 -19.40 7.48 -17.00
C LEU B 118 -20.84 7.38 -17.51
N THR B 119 -21.50 6.25 -17.22
CA THR B 119 -22.88 6.08 -17.61
C THR B 119 -23.80 6.68 -16.54
N SER B 120 -25.10 6.75 -16.85
CA SER B 120 -26.05 7.24 -15.87
CA SER B 120 -26.05 7.25 -15.86
C SER B 120 -26.06 6.37 -14.62
N SER B 121 -25.96 5.04 -14.78
CA SER B 121 -25.94 4.17 -13.62
C SER B 121 -24.63 4.34 -12.84
N GLY B 122 -23.50 4.51 -13.53
CA GLY B 122 -22.25 4.78 -12.83
C GLY B 122 -22.30 6.09 -12.06
N LEU B 123 -22.92 7.12 -12.66
CA LEU B 123 -23.02 8.42 -12.00
C LEU B 123 -23.90 8.35 -10.76
N GLU B 124 -25.07 7.72 -10.88
CA GLU B 124 -25.96 7.58 -9.72
C GLU B 124 -25.26 6.83 -8.59
N LEU B 125 -24.53 5.78 -8.93
CA LEU B 125 -23.86 4.98 -7.89
C LEU B 125 -22.76 5.79 -7.22
N ILE B 126 -21.89 6.43 -8.00
CA ILE B 126 -20.74 7.09 -7.40
C ILE B 126 -21.17 8.31 -6.60
N ASN B 127 -22.26 8.99 -6.99
CA ASN B 127 -22.71 10.12 -6.20
C ASN B 127 -23.14 9.70 -4.80
N ARG B 128 -23.68 8.49 -4.66
CA ARG B 128 -24.01 7.97 -3.34
C ARG B 128 -22.78 7.43 -2.62
N ALA B 129 -21.93 6.71 -3.35
CA ALA B 129 -20.79 6.06 -2.73
C ALA B 129 -19.78 7.07 -2.18
N VAL B 130 -19.60 8.20 -2.87
CA VAL B 130 -18.60 9.15 -2.39
C VAL B 130 -19.05 9.78 -1.08
N GLU B 131 -20.36 9.97 -0.90
CA GLU B 131 -20.85 10.50 0.37
C GLU B 131 -20.50 9.57 1.51
N ALA B 132 -20.76 8.27 1.34
CA ALA B 132 -20.45 7.30 2.38
C ALA B 132 -18.95 7.18 2.60
N HIS B 133 -18.18 7.20 1.52
CA HIS B 133 -16.73 7.11 1.60
C HIS B 133 -16.16 8.22 2.47
N ILE B 134 -16.60 9.47 2.25
CA ILE B 134 -16.09 10.57 3.07
C ILE B 134 -16.47 10.36 4.53
N GLU B 135 -17.71 9.94 4.81
CA GLU B 135 -18.12 9.71 6.19
C GLU B 135 -17.27 8.62 6.83
N ASN B 136 -16.99 7.56 6.07
CA ASN B 136 -16.15 6.47 6.54
C ASN B 136 -14.75 6.98 6.85
N GLU B 137 -14.17 7.77 5.93
CA GLU B 137 -12.83 8.28 6.14
C GLU B 137 -12.78 9.20 7.35
N ARG B 138 -13.80 10.04 7.53
CA ARG B 138 -13.86 10.92 8.70
C ARG B 138 -13.86 10.10 9.98
N GLN B 139 -14.65 9.02 10.01
CA GLN B 139 -14.69 8.14 11.17
C GLN B 139 -13.34 7.47 11.43
N VAL B 140 -12.70 6.97 10.36
CA VAL B 140 -11.39 6.34 10.52
C VAL B 140 -10.40 7.29 11.17
N LEU B 141 -10.34 8.52 10.66
CA LEU B 141 -9.37 9.49 11.12
C LEU B 141 -9.71 10.08 12.47
N SER B 142 -10.94 9.85 12.98
CA SER B 142 -11.34 10.40 14.26
C SER B 142 -10.51 9.88 15.43
N VAL B 143 -9.69 8.84 15.22
CA VAL B 143 -8.80 8.37 16.27
C VAL B 143 -7.64 9.32 16.52
N LEU B 144 -7.39 10.29 15.60
CA LEU B 144 -6.29 11.23 15.76
C LEU B 144 -6.79 12.62 16.12
N PRO B 145 -6.09 13.32 17.01
CA PRO B 145 -6.38 14.73 17.23
C PRO B 145 -6.14 15.52 15.94
N ALA B 146 -6.88 16.61 15.80
CA ALA B 146 -6.78 17.42 14.58
C ALA B 146 -5.34 17.87 14.33
N GLU B 147 -4.62 18.23 15.39
CA GLU B 147 -3.25 18.73 15.25
C GLU B 147 -2.32 17.64 14.73
N VAL B 148 -2.53 16.40 15.17
CA VAL B 148 -1.70 15.30 14.70
C VAL B 148 -2.02 14.97 13.25
N LEU B 149 -3.32 14.95 12.90
CA LEU B 149 -3.71 14.71 11.52
C LEU B 149 -3.13 15.78 10.59
N ALA B 150 -3.15 17.05 11.03
CA ALA B 150 -2.62 18.12 10.20
C ALA B 150 -1.14 17.92 9.97
N ALA B 151 -0.40 17.59 11.03
CA ALA B 151 1.03 17.36 10.90
C ALA B 151 1.30 16.15 10.01
N LEU B 152 0.52 15.08 10.20
CA LEU B 152 0.70 13.89 9.36
C LEU B 152 0.51 14.23 7.90
N ASP B 153 -0.52 15.03 7.59
CA ASP B 153 -0.81 15.40 6.21
C ASP B 153 0.34 16.17 5.58
N THR B 154 0.89 17.14 6.30
CA THR B 154 1.98 17.94 5.74
CA THR B 154 1.98 17.94 5.75
C THR B 154 3.25 17.11 5.59
N ASN B 155 3.53 16.22 6.55
CA ASN B 155 4.71 15.38 6.45
C ASN B 155 4.56 14.37 5.32
N LEU B 156 3.36 13.82 5.12
CA LEU B 156 3.12 12.96 3.98
C LEU B 156 3.27 13.71 2.66
N ALA B 157 2.80 14.97 2.60
CA ALA B 157 2.95 15.75 1.38
C ALA B 157 4.42 15.97 1.05
N ALA B 158 5.25 16.17 2.08
CA ALA B 158 6.67 16.31 1.86
C ALA B 158 7.27 15.02 1.32
N LEU B 159 6.88 13.88 1.91
CA LEU B 159 7.37 12.60 1.42
C LEU B 159 6.90 12.36 -0.01
N LEU B 160 5.62 12.63 -0.27
CA LEU B 160 5.07 12.41 -1.60
C LEU B 160 5.80 13.23 -2.66
N ARG B 161 6.07 14.51 -2.37
CA ARG B 161 6.81 15.34 -3.32
C ARG B 161 8.19 14.77 -3.59
N GLY B 162 8.87 14.26 -2.56
CA GLY B 162 10.17 13.66 -2.76
C GLY B 162 10.09 12.40 -3.60
N LEU B 163 9.10 11.55 -3.33
CA LEU B 163 8.96 10.31 -4.09
C LEU B 163 8.62 10.60 -5.54
N GLU B 164 7.76 11.59 -5.79
CA GLU B 164 7.40 11.90 -7.16
C GLU B 164 8.56 12.55 -7.90
N SER B 165 9.41 13.29 -7.20
CA SER B 165 10.56 13.91 -7.83
C SER B 165 11.58 12.87 -8.29
N HIS B 166 11.50 11.63 -7.80
CA HIS B 166 12.43 10.59 -8.22
C HIS B 166 11.98 9.97 -9.54
#